data_8XK6
#
_entry.id   8XK6
#
_cell.length_a   158.020
_cell.length_b   158.020
_cell.length_c   190.450
_cell.angle_alpha   90.00
_cell.angle_beta   90.00
_cell.angle_gamma   120.00
#
_symmetry.space_group_name_H-M   'P 63 2 2'
#
loop_
_entity.id
_entity.type
_entity.pdbx_description
1 polymer 'Envelopment polyprotein'
2 polymer 'mAb S2A5 Fab heavy chain'
3 polymer 'mAb S2A5 Fab light chain'
4 water water
#
loop_
_entity_poly.entity_id
_entity_poly.type
_entity_poly.pdbx_seq_one_letter_code
_entity_poly.pdbx_strand_id
1 'polypeptide(L)'
;MMKVIWFSSLICLVIQCGGDTGPIICAGPIHSNKSADIPHLLGYSEKICQIDRLIHVSSWLRNHSQFQGYVGQRGGRSQV
SYYPAENSYSRWSGLLSPCDADWLGMLVVKKAKGSDMIVPGPSYKGKVFFERPTFDGYVGWGCGSGKSRTESGELCSSDS
RTSSGLLPSDRVLWIGDVACQPMTPIPEETFLELKSFSQSEFPDICKIDGIVFNQCEGESLPQPFDVAWMDVGHSHKIIM
REHKTKWVQESSSKDFVCYKEGTGPCSESEEKTCKTSGSCRGDMQFCKVAGCEHGEEASEAKCRCSLVHKPGEVVVSYGG
MRVRPKCYGFSRMMATLEVSGSTLEVLFQGPHHHHHH
;
A
2 'polypeptide(L)'
;MGWSCIILFLVATATGVHSEVQLQQSGPELVKPGASVKVSCKASGYSFSDDNMYWVKQSHGKSLEWIGYIDPDNGGTSYN
QKFKGKATLTVDKSSSTAFMHLNSLTSEDSAVYYCAREDYYGSRAMDYWGQGTSVTVSSASTKGPSVFPLAPSSKSTSGG
TAALGCLVKDYFPEPVTVSWNSGALTSGVHTFPAVLQSSGLYSLSSVVTVPSSSLGTQTYICNVNHKPSNTKVDKKVEPK
SCDKTHHHHHH
;
H
3 'polypeptide(L)'
;MGWSCIILFLVATATGVHSDIVLTQSPASLAVSLGQRATISCKASQSVDYAGDSYMNWYQQKPGQPPKLLIYAASNLESA
IPARFSGSGSGTDFTLNIHPVQEEDAATYYCQQSYEDPRTFGGGTKLEIKRTVAAPSVFIFPPSDEQLKSGTASVVCLLN
NFYPREAKVQWKVDNALQSGNSQESVTEQDSKDSTYSLSSTLTLSKADYEKHKVYACEVTHQGLSSPVTKSFNRGEC
;
L
#
# COMPACT_ATOMS: atom_id res chain seq x y z
N THR A 21 10.37 23.49 12.66
CA THR A 21 10.89 24.12 11.44
C THR A 21 9.84 25.05 10.84
N GLY A 22 8.56 24.82 11.17
CA GLY A 22 7.51 25.71 10.77
C GLY A 22 6.92 25.38 9.40
N PRO A 23 5.64 25.69 9.21
CA PRO A 23 4.97 25.34 7.96
C PRO A 23 5.16 26.38 6.88
N ILE A 24 4.62 26.13 5.69
CA ILE A 24 4.67 27.10 4.59
C ILE A 24 3.60 28.16 4.75
N ILE A 25 2.34 27.75 4.95
CA ILE A 25 1.20 28.65 5.06
C ILE A 25 0.40 28.38 6.33
N CYS A 26 0.02 27.11 6.54
CA CYS A 26 -1.03 26.73 7.47
C CYS A 26 -0.49 25.93 8.65
N ALA A 27 -0.82 26.36 9.86
CA ALA A 27 -0.47 25.64 11.07
C ALA A 27 -1.26 24.32 11.14
N GLY A 28 -0.83 23.45 12.05
CA GLY A 28 -1.29 22.08 12.05
C GLY A 28 -2.78 21.98 12.23
N PRO A 29 -3.40 20.98 11.61
CA PRO A 29 -4.86 20.84 11.74
C PRO A 29 -5.24 20.43 13.14
N ILE A 30 -6.50 20.68 13.48
CA ILE A 30 -7.14 20.14 14.68
C ILE A 30 -8.47 19.56 14.22
N HIS A 31 -8.45 18.32 13.76
CA HIS A 31 -9.65 17.73 13.17
C HIS A 31 -10.65 17.35 14.25
N SER A 32 -11.93 17.26 13.85
CA SER A 32 -13.08 17.11 14.73
C SER A 32 -13.73 15.74 14.63
N ASN A 33 -13.97 15.25 13.42
CA ASN A 33 -14.41 13.88 13.27
C ASN A 33 -13.73 13.21 12.09
N LYS A 34 -13.44 11.92 12.27
CA LYS A 34 -12.70 11.14 11.31
C LYS A 34 -13.45 10.93 10.00
N SER A 35 -14.73 11.27 9.97
CA SER A 35 -15.58 10.89 8.84
C SER A 35 -15.84 12.06 7.90
N ALA A 36 -15.41 13.28 8.26
CA ALA A 36 -15.49 14.43 7.36
C ALA A 36 -14.67 14.17 6.10
N ASP A 37 -15.24 14.49 4.94
CA ASP A 37 -14.45 14.22 3.76
C ASP A 37 -13.59 15.42 3.41
N ILE A 38 -12.68 15.22 2.49
CA ILE A 38 -11.67 16.22 2.15
C ILE A 38 -11.99 16.77 0.77
N PRO A 39 -12.16 18.07 0.61
CA PRO A 39 -12.55 18.62 -0.68
C PRO A 39 -11.35 18.69 -1.63
N HIS A 40 -11.66 18.65 -2.92
CA HIS A 40 -10.66 19.03 -3.91
C HIS A 40 -10.63 20.55 -4.02
N LEU A 41 -9.43 21.12 -3.91
CA LEU A 41 -9.23 22.55 -4.01
C LEU A 41 -8.42 22.85 -5.26
N LEU A 42 -8.87 23.83 -6.06
CA LEU A 42 -8.21 24.13 -7.32
C LEU A 42 -7.02 25.06 -7.15
N GLY A 43 -7.00 25.86 -6.08
CA GLY A 43 -5.96 26.86 -5.94
C GLY A 43 -4.64 26.28 -5.47
N TYR A 44 -3.55 26.82 -6.03
CA TYR A 44 -2.21 26.40 -5.65
C TYR A 44 -1.98 26.59 -4.16
N SER A 45 -2.21 27.80 -3.65
CA SER A 45 -1.98 28.06 -2.23
C SER A 45 -2.87 27.19 -1.33
N GLU A 46 -4.09 26.88 -1.79
CA GLU A 46 -4.94 25.97 -1.02
C GLU A 46 -4.34 24.56 -0.98
N LYS A 47 -3.86 24.07 -2.14
CA LYS A 47 -3.18 22.77 -2.17
C LYS A 47 -1.96 22.78 -1.24
N ILE A 48 -1.16 23.85 -1.28
CA ILE A 48 -0.01 23.94 -0.37
C ILE A 48 -0.49 23.85 1.07
N CYS A 49 -1.65 24.44 1.38
CA CYS A 49 -2.19 24.40 2.74
C CYS A 49 -2.61 22.99 3.13
N GLN A 50 -3.29 22.28 2.24
CA GLN A 50 -3.59 20.87 2.49
C GLN A 50 -2.32 20.07 2.76
N ILE A 51 -1.23 20.40 2.06
CA ILE A 51 0.03 19.66 2.22
C ILE A 51 0.65 19.95 3.59
N ASP A 52 0.63 21.20 4.03
CA ASP A 52 1.09 21.53 5.39
C ASP A 52 0.35 20.74 6.46
N ARG A 53 -0.90 20.37 6.22
CA ARG A 53 -1.70 19.67 7.21
C ARG A 53 -1.75 18.16 6.99
N LEU A 54 -0.96 17.62 6.06
CA LEU A 54 -0.97 16.20 5.73
C LEU A 54 -2.33 15.73 5.28
N ILE A 55 -3.14 16.64 4.74
CA ILE A 55 -4.41 16.26 4.12
C ILE A 55 -4.17 15.25 2.99
N HIS A 56 -3.04 15.38 2.28
CA HIS A 56 -2.78 14.53 1.11
C HIS A 56 -2.46 13.09 1.53
N VAL A 57 -1.70 12.92 2.61
CA VAL A 57 -1.41 11.58 3.10
C VAL A 57 -2.68 10.93 3.66
N SER A 58 -3.48 11.71 4.40
CA SER A 58 -4.77 11.23 4.87
C SER A 58 -5.62 10.74 3.71
N SER A 59 -5.64 11.50 2.61
CA SER A 59 -6.41 11.12 1.44
C SER A 59 -5.87 9.83 0.82
N TRP A 60 -4.54 9.73 0.67
CA TRP A 60 -3.90 8.51 0.19
C TRP A 60 -4.32 7.30 1.02
N LEU A 61 -4.31 7.41 2.36
CA LEU A 61 -4.70 6.30 3.21
C LEU A 61 -6.17 5.92 3.02
N ARG A 62 -7.06 6.91 2.95
CA ARG A 62 -8.47 6.61 2.68
C ARG A 62 -8.63 5.93 1.34
N ASN A 63 -7.85 6.33 0.32
CA ASN A 63 -8.08 5.77 -1.00
C ASN A 63 -7.55 4.34 -1.11
N HIS A 64 -6.49 3.98 -0.38
CA HIS A 64 -5.74 2.76 -0.69
C HIS A 64 -5.80 1.68 0.37
N SER A 65 -6.11 2.02 1.61
CA SER A 65 -5.89 1.05 2.66
C SER A 65 -7.00 1.06 3.70
N GLN A 66 -8.22 1.43 3.29
CA GLN A 66 -9.41 1.26 4.11
C GLN A 66 -9.28 2.03 5.42
N PHE A 67 -8.63 3.18 5.36
CA PHE A 67 -8.40 4.05 6.50
C PHE A 67 -9.51 5.09 6.62
N GLN A 68 -9.86 5.40 7.86
CA GLN A 68 -10.87 6.40 8.18
C GLN A 68 -10.20 7.48 9.01
N GLY A 69 -10.23 8.74 8.56
CA GLY A 69 -9.76 9.83 9.38
C GLY A 69 -8.57 10.54 8.76
N TYR A 70 -7.62 10.93 9.60
CA TYR A 70 -6.54 11.84 9.25
C TYR A 70 -5.27 11.47 10.01
N VAL A 71 -4.13 11.77 9.39
CA VAL A 71 -2.85 11.79 10.08
C VAL A 71 -2.40 13.24 10.12
N GLY A 72 -1.49 13.53 11.03
CA GLY A 72 -0.98 14.89 11.16
C GLY A 72 -1.70 15.78 12.15
N GLN A 73 -2.57 15.21 12.99
CA GLN A 73 -3.31 15.98 13.98
C GLN A 73 -2.37 16.79 14.86
N ARG A 74 -2.58 18.12 14.86
CA ARG A 74 -1.83 19.14 15.59
C ARG A 74 -0.45 19.47 15.01
N GLY A 75 0.39 18.46 14.78
CA GLY A 75 1.75 18.76 14.34
C GLY A 75 1.92 19.15 12.88
N GLY A 76 1.06 18.64 12.00
CA GLY A 76 1.21 18.91 10.57
C GLY A 76 2.44 18.25 9.95
N ARG A 77 2.77 18.72 8.74
CA ARG A 77 3.81 18.09 7.93
C ARG A 77 5.20 18.28 8.52
N SER A 78 5.42 19.36 9.27
CA SER A 78 6.73 19.62 9.84
C SER A 78 7.10 18.63 10.93
N GLN A 79 6.16 17.82 11.39
CA GLN A 79 6.40 16.90 12.50
C GLN A 79 6.44 15.44 12.05
N VAL A 80 6.60 15.18 10.74
CA VAL A 80 6.65 13.79 10.27
C VAL A 80 8.02 13.19 10.62
N SER A 81 8.06 11.86 10.64
CA SER A 81 9.30 11.12 10.86
C SER A 81 10.03 10.90 9.53
N TYR A 82 11.36 10.98 9.56
CA TYR A 82 12.22 10.71 8.43
C TYR A 82 13.16 9.55 8.78
N TYR A 83 13.53 8.72 7.80
CA TYR A 83 14.23 7.55 8.34
C TYR A 83 15.65 7.93 8.68
N PRO A 84 16.48 8.36 7.74
CA PRO A 84 17.67 9.05 8.21
C PRO A 84 17.07 10.22 8.96
N ALA A 85 17.02 10.16 10.29
CA ALA A 85 16.46 11.29 11.03
C ALA A 85 17.26 12.56 10.79
N GLU A 86 18.59 12.44 10.65
CA GLU A 86 19.40 13.54 10.13
C GLU A 86 19.00 13.76 8.68
N ASN A 87 18.20 14.80 8.46
CA ASN A 87 17.56 15.08 7.18
C ASN A 87 17.79 16.56 6.89
N SER A 88 18.50 16.89 5.80
CA SER A 88 18.73 18.30 5.48
C SER A 88 17.50 19.00 4.91
N TYR A 89 16.78 18.34 3.99
CA TYR A 89 15.82 19.08 3.15
C TYR A 89 14.53 19.45 3.89
N SER A 90 14.17 18.72 4.95
CA SER A 90 12.98 19.10 5.73
C SER A 90 13.24 20.33 6.58
N ARG A 91 14.50 20.73 6.71
CA ARG A 91 14.80 21.99 7.37
C ARG A 91 14.29 23.17 6.57
N TRP A 92 13.90 22.95 5.31
CA TRP A 92 13.31 23.97 4.45
C TRP A 92 11.87 23.56 4.17
N SER A 93 10.93 24.28 4.79
CA SER A 93 9.52 23.89 4.66
C SER A 93 9.07 23.83 3.21
N GLY A 94 9.74 24.54 2.30
CA GLY A 94 9.29 24.69 0.92
C GLY A 94 9.73 23.62 -0.06
N LEU A 95 10.70 22.78 0.29
CA LEU A 95 11.06 21.69 -0.60
C LEU A 95 10.05 20.57 -0.49
N LEU A 96 9.73 19.98 -1.65
CA LEU A 96 8.62 19.05 -1.78
C LEU A 96 9.09 17.60 -1.64
N SER A 97 8.42 16.85 -0.75
CA SER A 97 8.60 15.42 -0.67
C SER A 97 7.86 14.73 -1.81
N PRO A 98 8.07 13.43 -2.01
CA PRO A 98 7.28 12.71 -3.04
C PRO A 98 5.76 12.80 -2.82
N CYS A 99 5.29 12.62 -1.57
CA CYS A 99 3.85 12.76 -1.32
C CYS A 99 3.36 14.15 -1.70
N ASP A 100 4.09 15.19 -1.28
CA ASP A 100 3.78 16.56 -1.69
C ASP A 100 3.67 16.67 -3.21
N ALA A 101 4.64 16.10 -3.94
CA ALA A 101 4.59 16.16 -5.40
C ALA A 101 3.39 15.41 -5.95
N ASP A 102 3.03 14.29 -5.31
CA ASP A 102 1.85 13.54 -5.76
C ASP A 102 0.57 14.38 -5.66
N TRP A 103 0.40 15.16 -4.59
CA TRP A 103 -0.79 16.00 -4.46
C TRP A 103 -0.84 17.08 -5.54
N LEU A 104 0.30 17.56 -5.99
CA LEU A 104 0.35 18.59 -7.02
C LEU A 104 0.34 18.01 -8.44
N GLY A 105 0.15 16.69 -8.58
CA GLY A 105 0.11 16.06 -9.90
C GLY A 105 1.44 15.82 -10.60
N MET A 106 2.59 15.95 -9.92
CA MET A 106 3.88 15.79 -10.62
C MET A 106 4.32 14.33 -10.73
N LEU A 107 3.80 13.43 -9.90
CA LEU A 107 4.13 12.00 -9.93
C LEU A 107 3.09 11.26 -9.09
N VAL A 108 3.13 9.93 -9.16
CA VAL A 108 2.18 9.08 -8.42
C VAL A 108 2.94 8.26 -7.38
N VAL A 109 2.56 8.38 -6.12
CA VAL A 109 3.03 7.44 -5.10
C VAL A 109 2.11 6.22 -5.16
N LYS A 110 2.62 5.13 -5.70
CA LYS A 110 1.83 3.92 -5.91
C LYS A 110 1.69 3.09 -4.62
N LYS A 111 0.64 2.28 -4.57
CA LYS A 111 0.47 1.35 -3.47
C LYS A 111 1.43 0.18 -3.64
N ALA A 112 2.08 -0.20 -2.54
CA ALA A 112 3.06 -1.29 -2.58
C ALA A 112 2.41 -2.62 -2.95
N LYS A 113 3.13 -3.43 -3.71
CA LYS A 113 2.75 -4.78 -4.02
C LYS A 113 3.80 -5.73 -3.45
N GLY A 114 3.48 -7.03 -3.46
CA GLY A 114 4.32 -8.01 -2.80
C GLY A 114 5.75 -8.02 -3.31
N SER A 115 5.94 -7.74 -4.60
CA SER A 115 7.29 -7.72 -5.12
C SER A 115 8.09 -6.49 -4.65
N ASP A 116 7.42 -5.44 -4.19
CA ASP A 116 8.16 -4.29 -3.68
C ASP A 116 8.78 -4.65 -2.32
N MET A 117 10.06 -4.31 -2.14
CA MET A 117 10.79 -4.71 -0.95
C MET A 117 10.82 -3.57 0.08
N ILE A 118 10.43 -3.89 1.31
CA ILE A 118 10.63 -3.02 2.46
C ILE A 118 12.11 -3.02 2.85
N VAL A 119 12.72 -1.83 2.92
CA VAL A 119 14.13 -1.73 3.29
C VAL A 119 14.29 -1.85 4.81
N PRO A 120 15.31 -2.57 5.27
CA PRO A 120 15.65 -2.55 6.70
C PRO A 120 16.32 -1.25 7.09
N GLY A 121 16.20 -0.89 8.36
CA GLY A 121 16.77 0.33 8.86
C GLY A 121 15.77 1.21 9.60
N PRO A 122 14.65 1.56 8.96
CA PRO A 122 13.66 2.42 9.63
C PRO A 122 13.01 1.72 10.81
N SER A 123 12.50 2.55 11.72
CA SER A 123 11.71 2.07 12.84
C SER A 123 10.23 2.07 12.39
N TYR A 124 9.78 0.94 11.86
CA TYR A 124 8.44 0.85 11.31
C TYR A 124 7.36 0.77 12.37
N LYS A 125 7.70 0.21 13.53
CA LYS A 125 6.73 -0.14 14.56
C LYS A 125 5.82 1.03 14.87
N GLY A 126 4.52 0.80 14.69
CA GLY A 126 3.53 1.80 14.99
C GLY A 126 3.30 2.85 13.91
N LYS A 127 4.07 2.85 12.83
CA LYS A 127 3.78 3.75 11.72
C LYS A 127 2.47 3.38 11.04
N VAL A 128 1.72 4.39 10.62
CA VAL A 128 0.47 4.18 9.88
C VAL A 128 0.64 4.44 8.39
N PHE A 129 1.61 5.28 7.99
CA PHE A 129 1.97 5.44 6.59
C PHE A 129 3.49 5.52 6.43
N PHE A 130 4.02 4.83 5.41
CA PHE A 130 5.38 5.14 5.02
C PHE A 130 5.55 4.98 3.52
N GLU A 131 6.61 5.59 3.02
CA GLU A 131 6.81 5.83 1.61
C GLU A 131 8.31 5.77 1.37
N ARG A 132 8.73 5.21 0.23
CA ARG A 132 10.13 5.34 -0.18
C ARG A 132 10.24 5.47 -1.69
N PRO A 133 11.18 6.29 -2.16
CA PRO A 133 11.63 6.18 -3.57
C PRO A 133 12.15 4.79 -3.89
N THR A 134 11.76 4.28 -5.06
CA THR A 134 12.33 3.08 -5.65
C THR A 134 13.09 3.43 -6.91
N PHE A 135 13.80 2.45 -7.45
CA PHE A 135 14.62 2.69 -8.64
C PHE A 135 13.77 3.20 -9.81
N ASP A 136 12.53 2.72 -9.93
CA ASP A 136 11.66 3.09 -11.04
C ASP A 136 10.38 3.82 -10.60
N GLY A 137 10.29 4.30 -9.37
CA GLY A 137 9.10 5.03 -8.95
C GLY A 137 9.05 5.47 -7.48
N TYR A 138 7.84 5.48 -6.92
CA TYR A 138 7.62 5.89 -5.54
C TYR A 138 6.51 4.99 -5.03
N VAL A 139 6.70 4.43 -3.84
CA VAL A 139 5.84 3.36 -3.33
C VAL A 139 5.48 3.65 -1.89
N GLY A 140 4.22 3.42 -1.53
CA GLY A 140 3.74 3.68 -0.19
C GLY A 140 2.98 2.50 0.40
N TRP A 141 2.96 2.49 1.73
CA TRP A 141 2.34 1.45 2.53
C TRP A 141 1.46 2.12 3.56
N GLY A 142 0.19 1.73 3.63
CA GLY A 142 -0.74 2.30 4.57
C GLY A 142 -1.41 1.25 5.44
N CYS A 143 -2.08 1.70 6.50
CA CYS A 143 -2.72 0.80 7.43
C CYS A 143 -4.20 1.17 7.53
N GLY A 144 -5.03 0.16 7.80
CA GLY A 144 -6.45 0.37 8.01
C GLY A 144 -6.77 1.00 9.36
N SER A 145 -8.07 1.24 9.58
CA SER A 145 -8.54 1.80 10.85
C SER A 145 -8.21 0.91 12.05
N GLY A 146 -7.71 1.53 13.11
CA GLY A 146 -7.37 0.79 14.32
C GLY A 146 -6.11 -0.04 14.26
N LYS A 147 -5.24 0.18 13.26
CA LYS A 147 -4.08 -0.66 13.02
C LYS A 147 -2.83 0.18 12.85
N SER A 148 -1.67 -0.46 13.04
CA SER A 148 -0.38 0.14 12.73
C SER A 148 0.65 -0.95 12.51
N ARG A 149 1.80 -0.54 11.97
CA ARG A 149 2.78 -1.46 11.43
C ARG A 149 3.51 -2.25 12.52
N THR A 150 3.73 -3.54 12.24
CA THR A 150 4.65 -4.39 12.99
C THR A 150 6.10 -3.93 12.78
N GLU A 151 7.03 -4.48 13.58
CA GLU A 151 8.38 -3.91 13.51
C GLU A 151 9.11 -4.25 12.20
N SER A 152 8.71 -5.32 11.51
CA SER A 152 9.27 -5.56 10.18
C SER A 152 8.69 -4.64 9.11
N GLY A 153 7.60 -3.92 9.40
CA GLY A 153 6.92 -3.13 8.40
C GLY A 153 6.01 -3.94 7.49
N GLU A 154 5.99 -5.26 7.63
CA GLU A 154 5.37 -6.15 6.66
C GLU A 154 3.84 -6.29 6.83
N LEU A 155 3.30 -6.04 8.02
CA LEU A 155 1.87 -6.19 8.30
C LEU A 155 1.35 -5.04 9.16
N CYS A 156 0.02 -4.94 9.27
CA CYS A 156 -0.61 -3.95 10.13
C CYS A 156 -1.37 -4.70 11.23
N SER A 157 -0.84 -4.67 12.45
CA SER A 157 -1.50 -5.32 13.59
C SER A 157 -2.41 -4.32 14.32
N SER A 158 -3.21 -4.82 15.26
CA SER A 158 -4.16 -3.92 15.91
C SER A 158 -3.48 -3.00 16.92
N ASP A 159 -4.07 -1.83 17.12
CA ASP A 159 -3.46 -0.77 17.90
C ASP A 159 -4.60 0.11 18.42
N SER A 160 -5.04 -0.17 19.66
CA SER A 160 -6.17 0.54 20.25
C SER A 160 -5.91 2.05 20.32
N ARG A 161 -4.65 2.45 20.45
CA ARG A 161 -4.29 3.87 20.49
C ARG A 161 -4.63 4.64 19.23
N THR A 162 -4.86 3.98 18.08
CA THR A 162 -5.18 4.68 16.84
C THR A 162 -6.70 4.71 16.55
N SER A 163 -7.53 4.34 17.54
CA SER A 163 -8.95 4.13 17.28
C SER A 163 -9.72 5.42 17.02
N SER A 164 -9.24 6.56 17.51
CA SER A 164 -9.92 7.82 17.18
C SER A 164 -9.85 8.16 15.69
N GLY A 165 -8.83 7.70 14.97
CA GLY A 165 -8.73 8.09 13.57
C GLY A 165 -8.18 9.47 13.33
N LEU A 166 -7.68 10.15 14.36
CA LEU A 166 -7.09 11.48 14.25
C LEU A 166 -5.69 11.36 14.83
N LEU A 167 -4.71 10.96 13.97
CA LEU A 167 -3.46 10.49 14.54
C LEU A 167 -2.35 11.53 14.38
N PRO A 168 -1.39 11.56 15.32
CA PRO A 168 -0.28 12.51 15.21
C PRO A 168 0.63 12.24 14.01
N SER A 169 1.45 13.25 13.66
CA SER A 169 2.29 13.19 12.47
C SER A 169 3.46 12.24 12.59
N ASP A 170 3.87 11.86 13.80
CA ASP A 170 4.97 10.91 13.89
C ASP A 170 4.57 9.50 13.44
N ARG A 171 3.28 9.27 13.15
CA ARG A 171 2.83 8.02 12.53
C ARG A 171 3.06 8.01 11.04
N VAL A 172 3.63 9.07 10.48
CA VAL A 172 3.93 9.20 9.07
C VAL A 172 5.44 9.18 8.92
N LEU A 173 5.95 8.28 8.08
CA LEU A 173 7.38 8.08 7.89
C LEU A 173 7.72 8.29 6.42
N TRP A 174 8.64 9.22 6.14
CA TRP A 174 9.13 9.48 4.79
C TRP A 174 10.59 9.03 4.71
N ILE A 175 10.88 8.11 3.81
CA ILE A 175 12.21 7.53 3.75
C ILE A 175 13.00 8.31 2.71
N GLY A 176 14.13 8.85 3.15
CA GLY A 176 15.07 9.52 2.26
C GLY A 176 15.13 11.02 2.47
N ASP A 177 16.22 11.63 2.01
CA ASP A 177 16.38 13.08 1.95
C ASP A 177 16.13 13.48 0.51
N VAL A 178 14.92 13.98 0.22
CA VAL A 178 14.41 14.08 -1.15
C VAL A 178 13.83 15.47 -1.39
N ALA A 179 14.06 16.00 -2.59
CA ALA A 179 13.48 17.27 -3.03
C ALA A 179 12.90 17.07 -4.42
N CYS A 180 11.62 17.39 -4.59
CA CYS A 180 10.96 17.27 -5.87
C CYS A 180 10.54 18.67 -6.34
N GLN A 181 10.37 18.81 -7.66
CA GLN A 181 10.25 20.13 -8.28
C GLN A 181 9.82 19.99 -9.74
N PRO A 182 9.39 21.05 -10.43
CA PRO A 182 9.13 20.92 -11.86
C PRO A 182 10.44 20.67 -12.61
N MET A 183 10.39 19.78 -13.59
CA MET A 183 11.57 19.41 -14.35
C MET A 183 11.57 20.04 -15.75
N THR A 184 12.77 20.19 -16.34
CA THR A 184 12.83 20.42 -17.77
C THR A 184 13.15 19.09 -18.44
N PRO A 185 12.25 18.54 -19.25
CA PRO A 185 12.48 17.19 -19.81
C PRO A 185 13.73 17.14 -20.67
N ILE A 186 14.22 15.92 -20.85
CA ILE A 186 15.45 15.69 -21.61
C ILE A 186 15.10 14.63 -22.65
N PRO A 187 15.75 14.65 -23.81
CA PRO A 187 15.46 13.64 -24.84
C PRO A 187 15.95 12.26 -24.42
N GLU A 188 15.36 11.23 -25.04
CA GLU A 188 15.66 9.85 -24.67
C GLU A 188 17.14 9.52 -24.85
N GLU A 189 17.77 10.07 -25.90
CA GLU A 189 19.18 9.80 -26.11
C GLU A 189 20.01 10.31 -24.94
N THR A 190 19.64 11.47 -24.39
CA THR A 190 20.39 12.00 -23.26
C THR A 190 20.26 11.09 -22.04
N PHE A 191 19.05 10.54 -21.84
CA PHE A 191 18.83 9.61 -20.76
C PHE A 191 19.71 8.37 -20.90
N LEU A 192 19.74 7.78 -22.10
CA LEU A 192 20.56 6.59 -22.33
C LEU A 192 22.04 6.90 -22.07
N GLU A 193 22.46 8.12 -22.34
CA GLU A 193 23.82 8.53 -22.01
C GLU A 193 24.03 8.56 -20.50
N LEU A 194 23.12 9.22 -19.77
CA LEU A 194 23.23 9.27 -18.32
C LEU A 194 23.18 7.87 -17.72
N LYS A 195 22.31 7.00 -18.26
CA LYS A 195 22.24 5.63 -17.79
C LYS A 195 23.57 4.91 -17.94
N SER A 196 24.29 5.19 -19.04
CA SER A 196 25.60 4.58 -19.27
C SER A 196 26.63 5.05 -18.25
N PHE A 197 26.61 6.34 -17.91
CA PHE A 197 27.56 6.81 -16.92
C PHE A 197 27.28 6.18 -15.55
N SER A 198 26.00 5.95 -15.23
CA SER A 198 25.66 5.29 -13.96
C SER A 198 26.20 3.88 -13.92
N GLN A 199 26.00 3.13 -15.01
CA GLN A 199 26.49 1.75 -15.08
C GLN A 199 27.99 1.68 -14.88
N SER A 200 28.73 2.65 -15.39
CA SER A 200 30.18 2.55 -15.26
C SER A 200 30.66 2.99 -13.88
N GLU A 201 29.89 3.83 -13.19
CA GLU A 201 30.22 4.21 -11.82
C GLU A 201 29.91 3.11 -10.80
N PHE A 202 29.02 2.19 -11.12
CA PHE A 202 28.58 1.14 -10.20
C PHE A 202 28.70 -0.20 -10.91
N PRO A 203 29.92 -0.62 -11.25
CA PRO A 203 30.08 -1.88 -12.00
C PRO A 203 29.62 -3.09 -11.23
N ASP A 204 29.64 -3.01 -9.90
CA ASP A 204 29.40 -4.10 -8.98
C ASP A 204 27.92 -4.42 -8.75
N ILE A 205 27.01 -3.65 -9.33
CA ILE A 205 25.58 -3.74 -9.03
C ILE A 205 24.86 -4.44 -10.18
N CYS A 206 24.03 -5.43 -9.84
CA CYS A 206 23.31 -6.21 -10.84
C CYS A 206 21.85 -5.78 -10.96
N LYS A 207 21.10 -5.84 -9.86
CA LYS A 207 19.73 -5.38 -9.82
C LYS A 207 19.57 -4.31 -8.75
N ILE A 208 18.65 -3.39 -9.00
CA ILE A 208 18.20 -2.42 -8.01
C ILE A 208 16.67 -2.51 -7.96
N ASP A 209 16.13 -2.71 -6.76
CA ASP A 209 14.70 -2.91 -6.55
C ASP A 209 14.09 -3.79 -7.63
N GLY A 210 14.74 -4.94 -7.88
CA GLY A 210 14.26 -5.93 -8.84
C GLY A 210 14.45 -5.60 -10.31
N ILE A 211 15.01 -4.42 -10.65
CA ILE A 211 15.23 -4.00 -12.05
C ILE A 211 16.69 -4.27 -12.43
N VAL A 212 16.88 -4.91 -13.59
CA VAL A 212 18.23 -5.17 -14.08
C VAL A 212 18.95 -3.86 -14.33
N PHE A 213 20.12 -3.72 -13.73
CA PHE A 213 20.94 -2.53 -13.86
C PHE A 213 22.23 -2.81 -14.60
N ASN A 214 22.92 -3.90 -14.27
CA ASN A 214 24.04 -4.41 -15.04
C ASN A 214 23.83 -5.90 -15.27
N GLN A 215 24.45 -6.41 -16.32
CA GLN A 215 24.47 -7.84 -16.59
C GLN A 215 25.50 -8.50 -15.69
N CYS A 216 25.14 -9.67 -15.14
CA CYS A 216 25.91 -10.32 -14.09
C CYS A 216 25.89 -11.82 -14.29
N GLU A 217 27.04 -12.46 -14.10
CA GLU A 217 27.11 -13.92 -14.12
C GLU A 217 26.31 -14.50 -12.96
N GLY A 218 26.70 -14.16 -11.73
CA GLY A 218 25.95 -14.57 -10.56
C GLY A 218 25.87 -13.44 -9.55
N GLU A 219 24.76 -13.41 -8.81
CA GLU A 219 24.45 -12.28 -7.95
C GLU A 219 24.14 -12.73 -6.53
N SER A 220 24.47 -11.86 -5.57
CA SER A 220 24.11 -12.03 -4.18
C SER A 220 22.61 -11.81 -3.96
N LEU A 221 22.18 -12.01 -2.72
CA LEU A 221 20.81 -11.71 -2.34
C LEU A 221 20.66 -10.19 -2.25
N PRO A 222 19.44 -9.68 -2.19
CA PRO A 222 19.28 -8.21 -2.12
C PRO A 222 19.74 -7.66 -0.78
N GLN A 223 20.47 -6.55 -0.83
CA GLN A 223 21.12 -5.82 0.24
C GLN A 223 20.64 -4.36 0.30
N PRO A 224 20.59 -3.78 1.50
CA PRO A 224 20.35 -2.33 1.61
C PRO A 224 21.41 -1.55 0.87
N PHE A 225 21.02 -0.40 0.30
CA PHE A 225 21.87 0.34 -0.65
C PHE A 225 21.50 1.82 -0.56
N ASP A 226 22.36 2.61 0.08
CA ASP A 226 22.18 4.05 0.17
C ASP A 226 22.90 4.71 -1.00
N VAL A 227 22.20 5.56 -1.74
CA VAL A 227 22.78 6.10 -2.97
C VAL A 227 22.12 7.43 -3.31
N ALA A 228 22.90 8.33 -3.90
CA ALA A 228 22.35 9.56 -4.49
C ALA A 228 21.75 9.25 -5.86
N TRP A 229 20.65 9.93 -6.21
CA TRP A 229 19.96 9.62 -7.46
C TRP A 229 19.16 10.82 -7.95
N MET A 230 18.77 10.77 -9.22
CA MET A 230 17.85 11.78 -9.74
C MET A 230 16.86 11.13 -10.66
N ASP A 231 15.64 11.67 -10.60
CA ASP A 231 14.53 11.27 -11.46
C ASP A 231 14.49 12.27 -12.61
N VAL A 232 14.75 11.81 -13.83
CA VAL A 232 14.76 12.71 -14.97
C VAL A 232 13.65 12.32 -15.94
N GLY A 233 12.59 11.72 -15.42
CA GLY A 233 11.39 11.54 -16.21
C GLY A 233 11.38 10.43 -17.24
N HIS A 234 12.26 9.42 -17.13
CA HIS A 234 12.15 8.30 -18.07
C HIS A 234 11.90 7.00 -17.30
N SER A 235 12.36 5.86 -17.80
CA SER A 235 11.89 4.61 -17.21
C SER A 235 12.47 4.32 -15.83
N HIS A 236 13.63 4.87 -15.46
CA HIS A 236 14.12 4.66 -14.10
C HIS A 236 15.09 5.78 -13.73
N LYS A 237 15.50 5.78 -12.47
CA LYS A 237 16.31 6.85 -11.93
C LYS A 237 17.76 6.72 -12.39
N ILE A 238 18.48 7.83 -12.31
CA ILE A 238 19.91 7.85 -12.61
C ILE A 238 20.62 7.90 -11.25
N ILE A 239 21.37 6.81 -10.90
CA ILE A 239 22.09 6.83 -9.62
C ILE A 239 23.48 7.38 -9.85
N MET A 240 24.03 7.99 -8.82
CA MET A 240 25.19 8.86 -9.00
C MET A 240 26.11 8.74 -7.81
N ARG A 241 27.41 8.70 -8.08
CA ARG A 241 28.39 8.84 -7.01
C ARG A 241 29.04 10.21 -7.11
N GLU A 242 29.79 10.43 -8.16
CA GLU A 242 30.49 11.70 -8.37
C GLU A 242 29.60 12.63 -9.18
N HIS A 243 29.19 13.74 -8.58
CA HIS A 243 28.23 14.62 -9.22
C HIS A 243 28.23 15.93 -8.46
N LYS A 244 27.80 17.00 -9.12
CA LYS A 244 27.72 18.30 -8.50
C LYS A 244 26.28 18.80 -8.51
N THR A 245 25.94 19.61 -7.52
CA THR A 245 24.58 20.11 -7.35
C THR A 245 24.63 21.62 -7.14
N LYS A 246 23.60 22.30 -7.62
CA LYS A 246 23.57 23.76 -7.52
C LYS A 246 22.12 24.23 -7.45
N TRP A 247 21.90 25.32 -6.72
CA TRP A 247 20.56 25.85 -6.50
C TRP A 247 20.42 27.21 -7.17
N VAL A 248 19.37 27.34 -7.99
CA VAL A 248 19.05 28.58 -8.70
C VAL A 248 17.66 29.04 -8.25
N GLN A 249 17.54 30.31 -7.86
CA GLN A 249 16.24 30.86 -7.49
C GLN A 249 15.67 31.60 -8.70
N GLU A 250 14.40 31.29 -9.03
CA GLU A 250 13.84 31.71 -10.31
C GLU A 250 12.58 32.56 -10.20
N SER A 251 11.96 32.68 -9.02
CA SER A 251 10.89 33.65 -8.78
C SER A 251 9.73 33.49 -9.76
N SER A 252 9.49 32.27 -10.23
CA SER A 252 8.27 31.99 -10.99
C SER A 252 7.07 31.93 -10.05
N SER A 253 5.88 31.75 -10.64
CA SER A 253 4.66 31.88 -9.85
C SER A 253 4.51 30.79 -8.79
N LYS A 254 4.94 29.56 -9.11
CA LYS A 254 4.90 28.48 -8.12
C LYS A 254 5.78 28.75 -6.91
N ASP A 255 6.69 29.72 -6.99
CA ASP A 255 7.57 30.03 -5.85
C ASP A 255 6.94 30.98 -4.85
N PHE A 256 5.69 31.37 -5.06
CA PHE A 256 4.99 32.31 -4.19
C PHE A 256 3.66 31.71 -3.78
N VAL A 257 3.28 31.92 -2.52
CA VAL A 257 1.95 31.56 -2.02
C VAL A 257 1.24 32.81 -1.53
N CYS A 258 -0.09 32.80 -1.62
CA CYS A 258 -0.91 33.98 -1.35
C CYS A 258 -1.92 33.67 -0.27
N TYR A 259 -2.01 34.57 0.71
CA TYR A 259 -2.86 34.37 1.88
C TYR A 259 -3.43 35.71 2.34
N LYS A 260 -4.35 35.64 3.28
CA LYS A 260 -4.96 36.79 3.93
C LYS A 260 -4.92 36.52 5.42
N GLU A 261 -4.17 37.34 6.15
CA GLU A 261 -3.86 37.06 7.56
C GLU A 261 -5.11 36.79 8.38
N GLY A 262 -5.08 35.68 9.13
CA GLY A 262 -6.19 35.26 9.95
C GLY A 262 -7.25 34.46 9.24
N THR A 263 -7.11 34.22 7.93
CA THR A 263 -8.12 33.49 7.16
C THR A 263 -7.59 32.38 6.28
N GLY A 264 -6.26 32.16 6.22
CA GLY A 264 -5.70 31.07 5.46
C GLY A 264 -5.40 31.43 4.01
N PRO A 265 -5.20 30.42 3.16
CA PRO A 265 -4.85 30.70 1.76
C PRO A 265 -5.98 31.36 0.99
N CYS A 266 -5.61 32.27 0.10
CA CYS A 266 -6.59 32.90 -0.78
C CYS A 266 -7.15 31.88 -1.76
N SER A 267 -8.29 32.22 -2.36
CA SER A 267 -8.93 31.32 -3.31
C SER A 267 -8.14 31.28 -4.62
N GLU A 268 -8.61 30.45 -5.56
CA GLU A 268 -7.98 30.36 -6.87
C GLU A 268 -8.11 31.67 -7.63
N SER A 269 -9.33 32.22 -7.69
CA SER A 269 -9.55 33.50 -8.36
C SER A 269 -8.67 34.60 -7.76
N GLU A 270 -8.67 34.74 -6.44
CA GLU A 270 -7.85 35.76 -5.82
C GLU A 270 -6.37 35.55 -6.11
N GLU A 271 -5.92 34.29 -6.20
CA GLU A 271 -4.50 34.03 -6.39
C GLU A 271 -4.05 34.39 -7.81
N LYS A 272 -4.79 33.94 -8.82
CA LYS A 272 -4.45 34.30 -10.20
C LYS A 272 -4.42 35.81 -10.36
N THR A 273 -5.43 36.50 -9.81
CA THR A 273 -5.49 37.96 -9.89
C THR A 273 -4.28 38.59 -9.23
N CYS A 274 -3.87 38.09 -8.07
CA CYS A 274 -2.70 38.65 -7.38
C CYS A 274 -1.43 38.46 -8.18
N LYS A 275 -1.35 37.38 -8.96
CA LYS A 275 -0.10 37.03 -9.61
C LYS A 275 -0.03 37.51 -11.05
N THR A 276 -1.18 37.89 -11.63
CA THR A 276 -1.22 38.48 -12.98
C THR A 276 -1.31 40.00 -12.92
N SER A 277 -2.31 40.54 -12.22
CA SER A 277 -2.66 41.96 -12.26
C SER A 277 -1.89 42.81 -11.24
N GLY A 278 -0.81 42.29 -10.66
CA GLY A 278 0.08 43.07 -9.80
C GLY A 278 -0.56 44.01 -8.81
N SER A 279 -1.75 43.68 -8.31
CA SER A 279 -2.55 44.61 -7.52
C SER A 279 -2.76 44.15 -6.07
N CYS A 280 -1.91 43.29 -5.54
CA CYS A 280 -2.04 42.78 -4.18
C CYS A 280 -0.83 43.18 -3.35
N ARG A 281 -0.84 42.83 -2.06
CA ARG A 281 0.32 43.06 -1.22
C ARG A 281 1.40 42.01 -1.50
N GLY A 282 2.54 42.14 -0.83
CA GLY A 282 3.64 41.21 -1.08
C GLY A 282 4.85 41.55 -0.24
N ASP A 283 5.78 40.59 -0.22
CA ASP A 283 7.11 40.87 0.33
C ASP A 283 7.98 41.47 -0.77
N MET A 284 9.25 41.72 -0.43
CA MET A 284 10.14 42.41 -1.36
C MET A 284 10.22 41.71 -2.71
N GLN A 285 10.50 40.40 -2.70
CA GLN A 285 10.71 39.69 -3.94
C GLN A 285 9.44 39.60 -4.78
N PHE A 286 8.28 39.40 -4.13
CA PHE A 286 7.04 39.29 -4.91
C PHE A 286 6.69 40.62 -5.57
N CYS A 287 6.83 41.72 -4.84
CA CYS A 287 6.59 43.03 -5.44
C CYS A 287 7.59 43.31 -6.55
N LYS A 288 8.87 42.98 -6.33
CA LYS A 288 9.92 43.29 -7.29
C LYS A 288 9.68 42.64 -8.64
N VAL A 289 9.14 41.43 -8.67
CA VAL A 289 8.97 40.68 -9.92
C VAL A 289 7.52 40.60 -10.39
N ALA A 290 6.57 40.98 -9.56
CA ALA A 290 5.15 40.87 -9.93
C ALA A 290 4.37 42.15 -9.76
N GLY A 291 4.81 43.08 -8.93
CA GLY A 291 4.11 44.33 -8.76
C GLY A 291 3.02 44.28 -7.71
N CYS A 292 2.84 45.38 -6.98
CA CYS A 292 1.87 45.43 -5.89
C CYS A 292 1.27 46.83 -5.74
N GLU A 293 0.93 47.22 -4.52
CA GLU A 293 0.31 48.52 -4.25
C GLU A 293 0.30 48.82 -2.75
N ALA A 301 -7.40 44.13 3.45
CA ALA A 301 -8.33 44.26 2.31
C ALA A 301 -7.94 43.32 1.17
N LYS A 302 -6.73 43.49 0.64
CA LYS A 302 -6.23 42.63 -0.44
C LYS A 302 -5.42 41.47 0.12
N CYS A 303 -5.14 40.49 -0.76
CA CYS A 303 -4.33 39.35 -0.38
C CYS A 303 -2.85 39.75 -0.32
N ARG A 304 -2.02 38.88 0.25
CA ARG A 304 -0.58 39.11 0.29
C ARG A 304 0.13 37.84 -0.16
N CYS A 305 1.13 37.99 -1.03
CA CYS A 305 1.91 36.87 -1.55
C CYS A 305 3.36 37.04 -1.15
N SER A 306 4.02 35.92 -0.85
CA SER A 306 5.41 35.98 -0.41
C SER A 306 6.14 34.69 -0.78
N LEU A 307 7.44 34.68 -0.49
CA LEU A 307 8.38 33.69 -1.03
C LEU A 307 8.33 32.41 -0.21
N VAL A 308 8.07 31.29 -0.88
CA VAL A 308 8.21 29.97 -0.28
C VAL A 308 9.66 29.75 0.10
N HIS A 309 9.90 29.27 1.32
CA HIS A 309 11.25 29.13 1.90
C HIS A 309 11.92 27.88 1.32
N LYS A 310 12.85 28.05 0.39
CA LYS A 310 13.67 26.95 -0.12
C LYS A 310 14.93 27.52 -0.76
N PRO A 311 15.98 26.70 -0.93
CA PRO A 311 17.18 27.21 -1.63
C PRO A 311 16.92 27.59 -3.08
N GLY A 312 15.88 27.05 -3.69
CA GLY A 312 15.58 27.29 -5.08
C GLY A 312 15.32 26.00 -5.82
N GLU A 313 15.55 25.98 -7.13
CA GLU A 313 15.45 24.75 -7.90
C GLU A 313 16.81 24.09 -7.98
N VAL A 314 16.84 22.77 -7.85
CA VAL A 314 18.11 22.05 -7.88
C VAL A 314 18.46 21.70 -9.32
N VAL A 315 19.73 21.89 -9.65
CA VAL A 315 20.30 21.54 -10.95
C VAL A 315 21.46 20.60 -10.68
N VAL A 316 21.54 19.52 -11.45
CA VAL A 316 22.51 18.46 -11.20
C VAL A 316 23.49 18.40 -12.36
N SER A 317 24.78 18.39 -12.02
CA SER A 317 25.84 18.20 -13.00
C SER A 317 26.42 16.80 -12.84
N TYR A 318 26.32 16.01 -13.92
CA TYR A 318 26.68 14.61 -13.91
C TYR A 318 27.14 14.22 -15.31
N GLY A 319 28.35 13.69 -15.42
CA GLY A 319 28.84 13.28 -16.73
C GLY A 319 29.03 14.42 -17.72
N GLY A 320 29.35 15.62 -17.23
CA GLY A 320 29.56 16.75 -18.11
C GLY A 320 28.31 17.48 -18.52
N MET A 321 27.13 17.00 -18.13
CA MET A 321 25.82 17.59 -18.40
C MET A 321 25.30 18.33 -17.19
N ARG A 322 24.41 19.28 -17.46
CA ARG A 322 23.53 19.85 -16.44
C ARG A 322 22.10 19.46 -16.73
N VAL A 323 21.36 19.12 -15.69
CA VAL A 323 20.00 18.61 -15.83
C VAL A 323 19.16 19.19 -14.71
N ARG A 324 17.92 19.55 -15.01
CA ARG A 324 17.04 19.95 -13.92
C ARG A 324 16.06 18.82 -13.64
N PRO A 325 16.31 17.97 -12.66
CA PRO A 325 15.50 16.76 -12.49
C PRO A 325 14.15 17.05 -11.87
N LYS A 326 13.24 16.07 -12.00
CA LYS A 326 11.97 16.14 -11.29
C LYS A 326 12.14 15.90 -9.78
N CYS A 327 13.00 14.97 -9.40
CA CYS A 327 13.36 14.75 -8.00
C CYS A 327 14.85 14.44 -7.92
N TYR A 328 15.45 14.89 -6.82
CA TYR A 328 16.83 14.60 -6.49
C TYR A 328 16.87 14.19 -5.02
N GLY A 329 17.75 13.25 -4.67
CA GLY A 329 17.84 12.90 -3.27
C GLY A 329 18.85 11.80 -2.99
N PHE A 330 18.97 11.51 -1.70
CA PHE A 330 19.80 10.45 -1.15
C PHE A 330 18.91 9.62 -0.23
N SER A 331 18.98 8.29 -0.35
CA SER A 331 17.89 7.45 0.08
C SER A 331 18.22 5.96 -0.09
N ARG A 332 17.57 5.10 0.69
CA ARG A 332 17.91 3.68 0.75
C ARG A 332 17.02 2.87 -0.16
N MET A 333 17.64 2.06 -1.02
CA MET A 333 16.96 1.10 -1.89
C MET A 333 17.52 -0.30 -1.62
N MET A 334 17.09 -1.27 -2.42
CA MET A 334 17.59 -2.64 -2.37
C MET A 334 18.37 -2.95 -3.64
N ALA A 335 19.51 -3.63 -3.52
CA ALA A 335 20.35 -3.98 -4.66
C ALA A 335 21.01 -5.35 -4.46
N THR A 336 21.18 -6.08 -5.56
CA THR A 336 22.04 -7.26 -5.57
C THR A 336 23.41 -6.92 -6.15
N LEU A 337 24.46 -7.46 -5.54
CA LEU A 337 25.84 -7.24 -5.95
C LEU A 337 26.37 -8.47 -6.65
N GLU A 338 27.38 -8.27 -7.50
CA GLU A 338 27.89 -9.39 -8.29
C GLU A 338 28.79 -10.28 -7.45
N VAL A 339 28.70 -11.58 -7.70
CA VAL A 339 29.59 -12.56 -7.08
C VAL A 339 30.28 -13.34 -8.20
N SER A 340 31.61 -13.18 -8.28
CA SER A 340 32.40 -13.88 -9.29
C SER A 340 33.40 -14.81 -8.60
N GLU B 20 -17.69 0.64 1.73
CA GLU B 20 -17.24 -0.66 2.18
C GLU B 20 -16.85 -1.53 1.00
N VAL B 21 -15.79 -2.33 1.17
CA VAL B 21 -15.45 -3.34 0.17
C VAL B 21 -16.60 -4.32 0.02
N GLN B 22 -16.89 -4.69 -1.22
CA GLN B 22 -17.90 -5.69 -1.51
C GLN B 22 -17.51 -6.44 -2.77
N LEU B 23 -17.75 -7.74 -2.77
CA LEU B 23 -17.51 -8.60 -3.90
C LEU B 23 -18.80 -9.35 -4.20
N GLN B 24 -19.20 -9.34 -5.47
CA GLN B 24 -20.49 -9.86 -5.93
C GLN B 24 -20.27 -10.85 -7.04
N GLN B 25 -20.60 -12.11 -6.81
CA GLN B 25 -20.40 -13.15 -7.79
C GLN B 25 -21.66 -13.41 -8.60
N SER B 26 -21.49 -13.98 -9.79
CA SER B 26 -22.61 -14.34 -10.66
C SER B 26 -23.31 -15.60 -10.16
N GLY B 27 -24.52 -15.83 -10.71
CA GLY B 27 -25.45 -16.77 -10.12
C GLY B 27 -25.11 -18.20 -10.43
N PRO B 28 -25.95 -19.10 -9.92
CA PRO B 28 -25.67 -20.54 -10.03
C PRO B 28 -25.69 -21.00 -11.49
N GLU B 29 -24.96 -22.08 -11.74
CA GLU B 29 -24.67 -22.52 -13.10
C GLU B 29 -24.89 -24.02 -13.22
N LEU B 30 -25.65 -24.44 -14.22
CA LEU B 30 -25.79 -25.86 -14.57
C LEU B 30 -25.15 -26.06 -15.94
N VAL B 31 -24.22 -27.00 -16.03
CA VAL B 31 -23.46 -27.24 -17.24
C VAL B 31 -23.24 -28.73 -17.41
N LYS B 32 -23.10 -29.14 -18.66
CA LYS B 32 -22.94 -30.51 -19.15
C LYS B 32 -21.47 -30.92 -19.11
N PRO B 33 -21.21 -32.19 -18.81
CA PRO B 33 -19.83 -32.68 -18.82
C PRO B 33 -19.18 -32.44 -20.17
N GLY B 34 -17.88 -32.15 -20.15
CA GLY B 34 -17.13 -31.80 -21.33
C GLY B 34 -17.29 -30.37 -21.81
N ALA B 35 -18.22 -29.61 -21.24
CA ALA B 35 -18.44 -28.22 -21.62
C ALA B 35 -17.47 -27.32 -20.82
N SER B 36 -17.73 -26.01 -20.86
CA SER B 36 -16.99 -25.03 -20.06
C SER B 36 -17.97 -24.08 -19.41
N VAL B 37 -17.48 -23.32 -18.43
CA VAL B 37 -18.28 -22.32 -17.71
C VAL B 37 -17.39 -21.16 -17.32
N LYS B 38 -17.99 -19.98 -17.22
CA LYS B 38 -17.29 -18.74 -16.89
C LYS B 38 -18.04 -18.02 -15.79
N VAL B 39 -17.35 -17.72 -14.70
CA VAL B 39 -17.92 -17.08 -13.52
C VAL B 39 -17.29 -15.69 -13.39
N SER B 40 -18.06 -14.74 -12.86
CA SER B 40 -17.57 -13.39 -12.70
C SER B 40 -17.64 -12.99 -11.23
N CYS B 41 -16.84 -11.98 -10.89
CA CYS B 41 -16.74 -11.45 -9.53
C CYS B 41 -16.55 -9.94 -9.64
N LYS B 42 -17.52 -9.18 -9.18
CA LYS B 42 -17.53 -7.74 -9.36
C LYS B 42 -17.13 -7.06 -8.05
N ALA B 43 -16.04 -6.30 -8.11
CA ALA B 43 -15.48 -5.62 -6.95
C ALA B 43 -15.90 -4.15 -6.94
N SER B 44 -16.27 -3.66 -5.77
CA SER B 44 -16.59 -2.25 -5.57
C SER B 44 -16.11 -1.84 -4.19
N GLY B 45 -16.04 -0.53 -3.97
CA GLY B 45 -15.68 -0.01 -2.66
C GLY B 45 -14.20 0.18 -2.42
N TYR B 46 -13.36 -0.20 -3.37
CA TYR B 46 -11.93 0.02 -3.29
C TYR B 46 -11.41 0.07 -4.72
N SER B 47 -10.14 0.43 -4.85
CA SER B 47 -9.49 0.52 -6.15
C SER B 47 -9.07 -0.88 -6.60
N PHE B 48 -9.74 -1.37 -7.64
CA PHE B 48 -9.68 -2.77 -8.05
C PHE B 48 -8.25 -3.29 -8.22
N SER B 49 -7.38 -2.51 -8.86
CA SER B 49 -6.06 -3.01 -9.23
C SER B 49 -5.05 -2.94 -8.09
N ASP B 50 -5.44 -2.48 -6.90
CA ASP B 50 -4.52 -2.40 -5.78
C ASP B 50 -4.18 -3.78 -5.21
N ASP B 51 -5.10 -4.75 -5.28
CA ASP B 51 -4.97 -5.99 -4.51
C ASP B 51 -5.19 -7.21 -5.40
N ASN B 52 -4.48 -8.29 -5.09
CA ASN B 52 -4.69 -9.56 -5.79
C ASN B 52 -6.04 -10.18 -5.45
N MET B 53 -6.67 -10.77 -6.46
CA MET B 53 -7.96 -11.44 -6.31
C MET B 53 -7.73 -12.95 -6.34
N TYR B 54 -8.17 -13.64 -5.29
CA TYR B 54 -7.98 -15.08 -5.15
C TYR B 54 -9.25 -15.83 -5.54
N TRP B 55 -9.08 -17.08 -5.94
CA TRP B 55 -10.20 -17.96 -6.25
C TRP B 55 -10.03 -19.27 -5.47
N VAL B 56 -11.12 -19.75 -4.87
CA VAL B 56 -11.10 -20.89 -3.95
C VAL B 56 -12.26 -21.84 -4.29
N LYS B 57 -11.97 -23.14 -4.31
CA LYS B 57 -12.97 -24.18 -4.52
C LYS B 57 -13.35 -24.85 -3.20
N GLN B 58 -14.63 -25.17 -3.05
CA GLN B 58 -15.14 -25.88 -1.87
C GLN B 58 -16.20 -26.90 -2.30
N SER B 59 -15.78 -28.15 -2.46
CA SER B 59 -16.72 -29.24 -2.68
C SER B 59 -17.64 -29.38 -1.47
N HIS B 60 -18.81 -29.96 -1.72
CA HIS B 60 -19.84 -30.04 -0.68
C HIS B 60 -19.35 -30.82 0.52
N GLY B 61 -19.48 -30.21 1.70
CA GLY B 61 -19.02 -30.81 2.94
C GLY B 61 -17.51 -30.82 3.12
N LYS B 62 -16.76 -30.65 2.02
CA LYS B 62 -15.32 -30.80 2.03
C LYS B 62 -14.62 -29.52 2.45
N SER B 63 -13.32 -29.44 2.21
CA SER B 63 -12.51 -28.32 2.67
C SER B 63 -12.27 -27.32 1.53
N LEU B 64 -11.71 -26.17 1.90
CA LEU B 64 -11.38 -25.12 0.94
C LEU B 64 -10.05 -25.43 0.26
N GLU B 65 -10.02 -25.27 -1.06
CA GLU B 65 -8.83 -25.49 -1.88
C GLU B 65 -8.51 -24.22 -2.67
N TRP B 66 -7.22 -23.90 -2.78
CA TRP B 66 -6.81 -22.74 -3.54
C TRP B 66 -6.73 -23.12 -5.02
N ILE B 67 -7.26 -22.25 -5.87
CA ILE B 67 -7.22 -22.45 -7.33
C ILE B 67 -6.15 -21.59 -7.97
N GLY B 68 -6.16 -20.30 -7.68
CA GLY B 68 -5.21 -19.38 -8.26
C GLY B 68 -5.54 -17.97 -7.82
N TYR B 69 -4.65 -17.06 -8.20
CA TYR B 69 -4.92 -15.65 -7.98
C TYR B 69 -4.48 -14.89 -9.22
N ILE B 70 -4.91 -13.63 -9.29
CA ILE B 70 -4.55 -12.74 -10.40
C ILE B 70 -4.31 -11.35 -9.85
N ASP B 71 -3.29 -10.69 -10.38
CA ASP B 71 -2.94 -9.30 -10.10
C ASP B 71 -3.67 -8.40 -11.10
N PRO B 72 -4.80 -7.80 -10.71
CA PRO B 72 -5.63 -7.10 -11.71
C PRO B 72 -4.92 -5.92 -12.36
N ASP B 73 -3.77 -5.49 -11.85
CA ASP B 73 -3.07 -4.36 -12.44
C ASP B 73 -2.40 -4.74 -13.76
N ASN B 74 -1.86 -5.96 -13.86
CA ASN B 74 -1.09 -6.34 -15.04
C ASN B 74 -1.42 -7.73 -15.59
N GLY B 75 -2.40 -8.42 -15.04
CA GLY B 75 -2.80 -9.71 -15.56
C GLY B 75 -1.93 -10.89 -15.16
N GLY B 76 -0.89 -10.69 -14.36
CA GLY B 76 -0.07 -11.81 -13.92
C GLY B 76 -0.83 -12.78 -13.04
N THR B 77 -0.63 -14.08 -13.29
CA THR B 77 -1.39 -15.09 -12.60
C THR B 77 -0.46 -16.11 -11.95
N SER B 78 -0.98 -16.78 -10.93
CA SER B 78 -0.35 -17.96 -10.35
C SER B 78 -1.44 -18.97 -10.02
N TYR B 79 -1.19 -20.25 -10.33
CA TYR B 79 -2.17 -21.30 -10.16
C TYR B 79 -1.66 -22.39 -9.22
N ASN B 80 -2.58 -22.94 -8.44
CA ASN B 80 -2.38 -24.26 -7.86
C ASN B 80 -2.05 -25.24 -8.99
N GLN B 81 -1.00 -26.04 -8.78
CA GLN B 81 -0.61 -27.04 -9.77
C GLN B 81 -1.78 -27.95 -10.12
N LYS B 82 -2.63 -28.24 -9.13
CA LYS B 82 -3.82 -29.08 -9.32
C LYS B 82 -4.80 -28.50 -10.34
N PHE B 83 -4.72 -27.20 -10.62
CA PHE B 83 -5.71 -26.54 -11.48
C PHE B 83 -5.06 -25.85 -12.66
N LYS B 84 -3.77 -26.04 -12.88
CA LYS B 84 -3.15 -25.49 -14.09
C LYS B 84 -3.69 -26.21 -15.31
N GLY B 85 -4.16 -25.44 -16.28
CA GLY B 85 -4.81 -26.00 -17.44
C GLY B 85 -6.30 -26.23 -17.28
N LYS B 86 -6.79 -26.37 -16.06
CA LYS B 86 -8.22 -26.46 -15.82
C LYS B 86 -8.86 -25.08 -15.71
N ALA B 87 -8.28 -24.20 -14.89
CA ALA B 87 -8.83 -22.88 -14.63
C ALA B 87 -7.99 -21.81 -15.31
N THR B 88 -8.65 -20.76 -15.77
CA THR B 88 -8.00 -19.62 -16.39
C THR B 88 -8.58 -18.35 -15.77
N LEU B 89 -7.71 -17.47 -15.30
CA LEU B 89 -8.12 -16.25 -14.61
C LEU B 89 -7.88 -15.04 -15.48
N THR B 90 -8.88 -14.16 -15.56
CA THR B 90 -8.74 -12.87 -16.23
C THR B 90 -9.48 -11.82 -15.40
N VAL B 91 -9.25 -10.55 -15.73
CA VAL B 91 -10.04 -9.44 -15.19
C VAL B 91 -10.44 -8.50 -16.33
N ASP B 92 -11.35 -7.60 -16.01
CA ASP B 92 -11.58 -6.41 -16.82
C ASP B 92 -11.40 -5.20 -15.91
N LYS B 93 -10.32 -4.46 -16.12
CA LYS B 93 -10.05 -3.31 -15.29
C LYS B 93 -11.18 -2.29 -15.37
N SER B 94 -11.61 -1.95 -16.59
CA SER B 94 -12.57 -0.85 -16.75
C SER B 94 -13.87 -1.10 -15.97
N SER B 95 -14.32 -2.35 -15.84
CA SER B 95 -15.57 -2.64 -15.13
C SER B 95 -15.38 -3.28 -13.75
N SER B 96 -14.14 -3.36 -13.23
CA SER B 96 -13.86 -3.87 -11.89
C SER B 96 -14.37 -5.30 -11.70
N THR B 97 -14.06 -6.17 -12.64
CA THR B 97 -14.58 -7.54 -12.60
C THR B 97 -13.46 -8.54 -12.81
N ALA B 98 -13.45 -9.59 -11.98
CA ALA B 98 -12.56 -10.72 -12.16
C ALA B 98 -13.35 -11.91 -12.71
N PHE B 99 -12.70 -12.69 -13.57
CA PHE B 99 -13.34 -13.83 -14.23
C PHE B 99 -12.57 -15.11 -13.94
N MET B 100 -13.30 -16.22 -13.92
CA MET B 100 -12.70 -17.54 -13.84
C MET B 100 -13.38 -18.46 -14.86
N HIS B 101 -12.60 -18.95 -15.80
CA HIS B 101 -13.09 -19.86 -16.81
C HIS B 101 -12.67 -21.28 -16.43
N LEU B 102 -13.65 -22.17 -16.34
CA LEU B 102 -13.41 -23.59 -16.07
C LEU B 102 -13.76 -24.38 -17.32
N ASN B 103 -12.86 -25.29 -17.72
CA ASN B 103 -13.03 -26.04 -18.95
C ASN B 103 -13.00 -27.54 -18.69
N SER B 104 -13.51 -28.31 -19.68
CA SER B 104 -13.49 -29.78 -19.67
C SER B 104 -14.18 -30.34 -18.43
N LEU B 105 -15.37 -29.81 -18.15
CA LEU B 105 -16.00 -30.08 -16.85
C LEU B 105 -16.29 -31.57 -16.69
N THR B 106 -15.99 -32.09 -15.52
CA THR B 106 -16.41 -33.41 -15.06
C THR B 106 -17.25 -33.23 -13.80
N SER B 107 -17.74 -34.34 -13.23
CA SER B 107 -18.52 -34.23 -12.01
C SER B 107 -17.66 -33.80 -10.83
N GLU B 108 -16.34 -33.99 -10.92
CA GLU B 108 -15.40 -33.55 -9.89
C GLU B 108 -15.27 -32.04 -9.80
N ASP B 109 -15.85 -31.29 -10.74
CA ASP B 109 -15.80 -29.83 -10.72
C ASP B 109 -17.05 -29.22 -10.12
N SER B 110 -18.01 -30.02 -9.70
CA SER B 110 -19.21 -29.47 -9.06
C SER B 110 -18.87 -29.07 -7.62
N ALA B 111 -18.97 -27.78 -7.34
CA ALA B 111 -18.65 -27.20 -6.04
C ALA B 111 -19.10 -25.75 -6.06
N VAL B 112 -19.01 -25.12 -4.88
CA VAL B 112 -19.13 -23.67 -4.74
C VAL B 112 -17.75 -23.05 -4.94
N TYR B 113 -17.68 -22.01 -5.77
CA TYR B 113 -16.44 -21.30 -6.07
C TYR B 113 -16.49 -19.87 -5.54
N TYR B 114 -15.42 -19.46 -4.85
CA TYR B 114 -15.36 -18.14 -4.22
C TYR B 114 -14.27 -17.31 -4.86
N CYS B 115 -14.49 -16.01 -4.88
CA CYS B 115 -13.45 -15.03 -5.09
C CYS B 115 -13.24 -14.31 -3.77
N ALA B 116 -12.02 -13.82 -3.57
CA ALA B 116 -11.67 -13.15 -2.31
C ALA B 116 -10.50 -12.24 -2.57
N ARG B 117 -10.55 -11.06 -1.95
CA ARG B 117 -9.49 -10.08 -2.10
C ARG B 117 -8.44 -10.30 -1.00
N GLU B 118 -7.16 -10.32 -1.38
CA GLU B 118 -6.10 -10.45 -0.39
C GLU B 118 -5.47 -9.09 -0.14
N ASP B 119 -5.33 -8.72 1.13
CA ASP B 119 -4.74 -7.44 1.54
C ASP B 119 -3.29 -7.72 1.94
N TYR B 120 -2.40 -7.74 0.94
CA TYR B 120 -1.05 -8.28 1.11
C TYR B 120 -0.30 -7.64 2.27
N TYR B 121 -0.29 -6.31 2.36
CA TYR B 121 0.49 -5.64 3.38
C TYR B 121 -0.34 -5.18 4.58
N GLY B 122 -1.61 -5.56 4.64
CA GLY B 122 -2.36 -5.30 5.84
C GLY B 122 -2.36 -6.49 6.76
N SER B 123 -3.13 -7.50 6.37
CA SER B 123 -3.29 -8.72 7.12
C SER B 123 -2.69 -9.93 6.43
N ARG B 124 -2.33 -9.80 5.15
CA ARG B 124 -2.02 -10.92 4.26
C ARG B 124 -3.05 -12.04 4.44
N ALA B 125 -4.31 -11.64 4.58
CA ALA B 125 -5.42 -12.58 4.69
C ALA B 125 -6.47 -12.27 3.63
N MET B 126 -7.40 -13.18 3.45
CA MET B 126 -8.51 -12.92 2.55
C MET B 126 -9.65 -12.32 3.38
N ASP B 127 -9.70 -10.98 3.42
CA ASP B 127 -10.62 -10.33 4.34
C ASP B 127 -12.00 -10.04 3.75
N TYR B 128 -12.16 -10.09 2.42
CA TYR B 128 -13.47 -9.91 1.83
C TYR B 128 -13.67 -11.00 0.80
N TRP B 129 -14.84 -11.64 0.84
CA TRP B 129 -15.20 -12.76 -0.03
C TRP B 129 -16.49 -12.46 -0.76
N GLY B 130 -16.63 -13.02 -1.94
CA GLY B 130 -17.91 -13.08 -2.60
C GLY B 130 -18.79 -14.12 -1.97
N GLN B 131 -20.08 -14.09 -2.32
CA GLN B 131 -21.06 -14.95 -1.68
C GLN B 131 -20.95 -16.40 -2.12
N GLY B 132 -20.21 -16.69 -3.19
CA GLY B 132 -20.08 -18.03 -3.71
C GLY B 132 -20.96 -18.26 -4.93
N THR B 133 -20.47 -19.10 -5.85
CA THR B 133 -21.16 -19.46 -7.09
C THR B 133 -21.24 -20.97 -7.15
N SER B 134 -22.46 -21.51 -7.06
CA SER B 134 -22.66 -22.96 -7.14
C SER B 134 -22.59 -23.42 -8.59
N VAL B 135 -21.77 -24.43 -8.87
CA VAL B 135 -21.60 -24.96 -10.22
C VAL B 135 -21.89 -26.46 -10.17
N THR B 136 -22.95 -26.90 -10.85
CA THR B 136 -23.33 -28.31 -10.90
C THR B 136 -23.06 -28.87 -12.29
N VAL B 137 -22.21 -29.89 -12.37
CA VAL B 137 -21.86 -30.54 -13.64
C VAL B 137 -22.64 -31.85 -13.75
N SER B 138 -23.64 -31.86 -14.63
CA SER B 138 -24.49 -33.02 -14.84
C SER B 138 -25.23 -32.87 -16.15
N SER B 139 -25.70 -34.01 -16.67
CA SER B 139 -26.41 -34.06 -17.95
C SER B 139 -27.91 -33.87 -17.81
N ASP C 20 4.63 -28.17 -0.65
CA ASP C 20 3.56 -27.35 -0.09
C ASP C 20 3.52 -27.50 1.43
N ILE C 21 3.03 -26.48 2.12
CA ILE C 21 2.95 -26.50 3.57
C ILE C 21 1.61 -27.10 3.95
N VAL C 22 1.62 -28.30 4.54
CA VAL C 22 0.40 -29.01 4.92
C VAL C 22 -0.01 -28.56 6.33
N LEU C 23 -1.30 -28.29 6.51
CA LEU C 23 -1.85 -27.86 7.79
C LEU C 23 -2.79 -28.93 8.34
N THR C 24 -2.58 -29.32 9.59
CA THR C 24 -3.37 -30.37 10.22
C THR C 24 -4.12 -29.81 11.41
N GLN C 25 -5.44 -29.80 11.32
CA GLN C 25 -6.28 -29.28 12.38
C GLN C 25 -6.73 -30.41 13.30
N SER C 26 -6.91 -30.10 14.58
CA SER C 26 -7.43 -31.11 15.47
C SER C 26 -8.17 -30.41 16.59
N PRO C 27 -9.24 -31.03 17.12
CA PRO C 27 -9.85 -32.28 16.64
C PRO C 27 -10.58 -31.99 15.34
N ALA C 28 -10.97 -32.98 14.52
CA ALA C 28 -11.85 -32.68 13.38
C ALA C 28 -13.24 -32.23 13.83
N SER C 29 -13.65 -32.56 15.04
CA SER C 29 -14.98 -32.23 15.51
C SER C 29 -14.97 -32.13 17.03
N LEU C 30 -15.75 -31.19 17.56
CA LEU C 30 -15.64 -30.88 18.97
C LEU C 30 -16.97 -30.30 19.46
N ALA C 31 -17.35 -30.67 20.68
CA ALA C 31 -18.61 -30.25 21.29
C ALA C 31 -18.32 -29.56 22.62
N VAL C 32 -18.92 -28.39 22.83
CA VAL C 32 -18.58 -27.52 23.95
C VAL C 32 -19.87 -26.94 24.53
N SER C 33 -19.97 -26.91 25.85
CA SER C 33 -21.17 -26.41 26.50
C SER C 33 -21.16 -24.89 26.48
N LEU C 34 -22.35 -24.30 26.37
CA LEU C 34 -22.48 -22.85 26.42
C LEU C 34 -21.76 -22.30 27.63
N GLY C 35 -21.00 -21.23 27.43
CA GLY C 35 -20.24 -20.61 28.49
C GLY C 35 -18.89 -21.23 28.78
N GLN C 36 -18.61 -22.41 28.22
CA GLN C 36 -17.33 -23.06 28.38
C GLN C 36 -16.33 -22.59 27.30
N ARG C 37 -15.15 -23.20 27.31
CA ARG C 37 -14.04 -22.77 26.47
C ARG C 37 -13.81 -23.81 25.38
N ALA C 38 -13.66 -23.32 24.14
CA ALA C 38 -13.28 -24.14 23.00
C ALA C 38 -11.85 -23.81 22.59
N THR C 39 -11.07 -24.85 22.33
CA THR C 39 -9.65 -24.71 22.01
C THR C 39 -9.38 -25.60 20.82
N ILE C 40 -9.03 -24.98 19.69
CA ILE C 40 -8.82 -25.67 18.42
C ILE C 40 -7.34 -25.54 18.05
N SER C 41 -6.79 -26.60 17.46
CA SER C 41 -5.37 -26.65 17.17
C SER C 41 -5.12 -26.72 15.67
N CYS C 42 -4.01 -26.12 15.26
CA CYS C 42 -3.52 -26.21 13.89
C CYS C 42 -2.01 -26.37 13.95
N LYS C 43 -1.48 -27.38 13.27
CA LYS C 43 -0.05 -27.64 13.18
C LYS C 43 0.39 -27.58 11.74
N ALA C 44 1.40 -26.76 11.45
CA ALA C 44 1.95 -26.69 10.10
C ALA C 44 3.16 -27.60 10.00
N SER C 45 3.45 -28.06 8.78
CA SER C 45 4.56 -28.96 8.54
C SER C 45 5.88 -28.21 8.35
N GLN C 46 5.86 -26.88 8.32
CA GLN C 46 7.03 -26.03 8.32
C GLN C 46 6.67 -24.75 9.05
N SER C 47 7.68 -24.00 9.47
CA SER C 47 7.44 -22.72 10.10
C SER C 47 6.79 -21.74 9.13
N VAL C 48 5.83 -20.97 9.63
CA VAL C 48 5.23 -19.90 8.86
C VAL C 48 5.61 -18.53 9.45
N ASP C 49 6.66 -18.51 10.25
CA ASP C 49 7.14 -17.28 10.87
C ASP C 49 8.12 -16.61 9.92
N TYR C 50 8.18 -15.28 10.00
CA TYR C 50 9.10 -14.50 9.18
C TYR C 50 9.24 -13.11 9.80
N ALA C 51 10.44 -12.80 10.31
CA ALA C 51 10.78 -11.44 10.77
C ALA C 51 9.80 -10.91 11.83
N GLY C 52 9.36 -11.78 12.73
CA GLY C 52 8.62 -11.34 13.89
C GLY C 52 7.11 -11.46 13.79
N ASP C 53 6.58 -11.97 12.68
CA ASP C 53 5.16 -12.27 12.59
C ASP C 53 4.97 -13.72 12.17
N SER C 54 3.79 -14.24 12.51
CA SER C 54 3.41 -15.61 12.16
C SER C 54 2.30 -15.53 11.12
N TYR C 55 2.56 -16.07 9.93
CA TYR C 55 1.63 -15.89 8.81
C TYR C 55 0.59 -17.01 8.83
N MET C 56 -0.33 -16.91 9.78
CA MET C 56 -1.36 -17.91 9.98
C MET C 56 -2.69 -17.19 10.21
N ASN C 57 -3.74 -17.61 9.51
CA ASN C 57 -5.06 -17.00 9.64
C ASN C 57 -6.12 -18.03 10.04
N TRP C 58 -7.19 -17.55 10.67
CA TRP C 58 -8.34 -18.38 11.06
C TRP C 58 -9.62 -17.83 10.45
N TYR C 59 -10.45 -18.73 9.91
CA TYR C 59 -11.73 -18.38 9.31
C TYR C 59 -12.87 -19.14 9.98
N GLN C 60 -14.02 -18.47 10.08
CA GLN C 60 -15.27 -19.07 10.52
C GLN C 60 -16.21 -19.18 9.32
N GLN C 61 -16.82 -20.35 9.14
CA GLN C 61 -17.74 -20.54 8.02
C GLN C 61 -19.03 -21.22 8.50
N LYS C 62 -20.17 -20.51 8.35
CA LYS C 62 -21.46 -21.14 8.58
C LYS C 62 -22.03 -21.68 7.27
N PRO C 63 -22.89 -22.69 7.35
CA PRO C 63 -23.43 -23.32 6.13
C PRO C 63 -24.07 -22.31 5.18
N GLY C 64 -23.75 -22.45 3.89
CA GLY C 64 -24.31 -21.59 2.86
C GLY C 64 -23.67 -20.22 2.70
N GLN C 65 -22.69 -19.86 3.53
CA GLN C 65 -22.06 -18.54 3.48
C GLN C 65 -20.57 -18.67 3.20
N PRO C 66 -19.91 -17.59 2.81
CA PRO C 66 -18.45 -17.67 2.63
C PRO C 66 -17.74 -17.69 3.96
N PRO C 67 -16.51 -18.17 3.99
CA PRO C 67 -15.66 -17.97 5.17
C PRO C 67 -15.61 -16.50 5.59
N LYS C 68 -15.46 -16.29 6.90
CA LYS C 68 -15.35 -14.95 7.46
C LYS C 68 -14.06 -14.88 8.27
N LEU C 69 -13.22 -13.89 7.99
CA LEU C 69 -11.93 -13.77 8.65
C LEU C 69 -12.09 -13.37 10.12
N LEU C 70 -11.50 -14.14 11.02
CA LEU C 70 -11.55 -13.85 12.44
C LEU C 70 -10.24 -13.28 12.95
N ILE C 71 -9.15 -14.00 12.67
CA ILE C 71 -7.83 -13.76 13.20
C ILE C 71 -6.87 -13.77 12.03
N TYR C 72 -6.03 -12.76 11.92
CA TYR C 72 -4.95 -12.80 10.96
C TYR C 72 -3.62 -12.70 11.68
N ALA C 73 -2.60 -13.35 11.11
CA ALA C 73 -1.24 -13.31 11.64
C ALA C 73 -1.20 -13.78 13.10
N ALA C 74 -1.83 -14.95 13.33
CA ALA C 74 -1.82 -15.69 14.60
C ALA C 74 -2.67 -15.08 15.70
N SER C 75 -2.56 -13.77 15.93
CA SER C 75 -3.15 -13.16 17.12
C SER C 75 -3.91 -11.85 16.91
N ASN C 76 -4.03 -11.34 15.68
CA ASN C 76 -4.72 -10.07 15.44
C ASN C 76 -6.21 -10.31 15.14
N LEU C 77 -7.05 -9.72 15.99
CA LEU C 77 -8.50 -9.72 15.82
C LEU C 77 -8.91 -8.81 14.69
N GLU C 78 -9.59 -9.34 13.67
CA GLU C 78 -10.19 -8.48 12.68
C GLU C 78 -11.21 -7.55 13.35
N SER C 79 -11.34 -6.34 12.79
CA SER C 79 -12.29 -5.39 13.33
C SER C 79 -13.70 -6.01 13.37
N ALA C 80 -14.45 -5.67 14.42
CA ALA C 80 -15.83 -6.16 14.62
C ALA C 80 -15.92 -7.66 14.89
N ILE C 81 -14.83 -8.29 15.32
CA ILE C 81 -14.86 -9.66 15.80
C ILE C 81 -14.87 -9.61 17.35
N PRO C 82 -15.79 -10.31 18.00
CA PRO C 82 -15.91 -10.19 19.47
C PRO C 82 -14.67 -10.74 20.17
N ALA C 83 -14.33 -10.11 21.30
CA ALA C 83 -13.16 -10.47 22.10
C ALA C 83 -13.25 -11.84 22.77
N ARG C 84 -14.32 -12.61 22.58
CA ARG C 84 -14.28 -14.02 22.99
C ARG C 84 -13.34 -14.83 22.12
N PHE C 85 -12.97 -14.31 20.96
CA PHE C 85 -12.05 -14.97 20.06
C PHE C 85 -10.63 -14.47 20.31
N SER C 86 -9.68 -15.39 20.42
CA SER C 86 -8.27 -15.04 20.47
C SER C 86 -7.45 -16.16 19.83
N GLY C 87 -6.27 -15.79 19.38
CA GLY C 87 -5.36 -16.77 18.78
C GLY C 87 -3.96 -16.57 19.32
N SER C 88 -3.21 -17.67 19.37
CA SER C 88 -1.82 -17.60 19.82
C SER C 88 -1.01 -18.65 19.08
N GLY C 89 0.30 -18.57 19.24
CA GLY C 89 1.21 -19.55 18.68
C GLY C 89 2.26 -18.90 17.80
N SER C 90 3.24 -19.73 17.42
CA SER C 90 4.37 -19.28 16.64
C SER C 90 5.03 -20.47 15.96
N GLY C 91 5.61 -20.24 14.79
CA GLY C 91 6.29 -21.29 14.08
C GLY C 91 5.37 -22.29 13.41
N THR C 92 5.03 -23.37 14.11
CA THR C 92 4.21 -24.43 13.53
C THR C 92 2.93 -24.74 14.29
N ASP C 93 2.76 -24.25 15.52
CA ASP C 93 1.69 -24.73 16.40
C ASP C 93 0.82 -23.56 16.85
N PHE C 94 -0.45 -23.59 16.47
CA PHE C 94 -1.34 -22.45 16.62
C PHE C 94 -2.65 -22.86 17.25
N THR C 95 -3.25 -21.93 17.99
CA THR C 95 -4.43 -22.18 18.79
C THR C 95 -5.45 -21.10 18.54
N LEU C 96 -6.69 -21.52 18.25
CA LEU C 96 -7.86 -20.64 18.29
C LEU C 96 -8.64 -20.94 19.57
N ASN C 97 -8.87 -19.89 20.37
CA ASN C 97 -9.64 -19.97 21.60
C ASN C 97 -10.96 -19.21 21.45
N ILE C 98 -12.04 -19.82 21.91
CA ILE C 98 -13.36 -19.17 22.03
C ILE C 98 -13.85 -19.30 23.48
N HIS C 99 -13.91 -18.18 24.20
CA HIS C 99 -14.42 -18.23 25.57
C HIS C 99 -14.97 -16.88 26.00
N PRO C 100 -16.26 -16.81 26.44
CA PRO C 100 -17.24 -17.91 26.58
C PRO C 100 -17.97 -18.27 25.30
N VAL C 101 -18.01 -19.56 24.97
CA VAL C 101 -18.71 -20.01 23.77
C VAL C 101 -20.19 -19.64 23.85
N GLN C 102 -20.75 -19.21 22.71
CA GLN C 102 -22.14 -18.83 22.59
C GLN C 102 -22.78 -19.55 21.41
N GLU C 103 -24.10 -19.35 21.26
CA GLU C 103 -24.88 -20.12 20.30
C GLU C 103 -24.46 -19.81 18.86
N GLU C 104 -24.20 -18.54 18.57
CA GLU C 104 -23.78 -18.13 17.23
C GLU C 104 -22.41 -18.68 16.83
N ASP C 105 -21.67 -19.29 17.77
CA ASP C 105 -20.33 -19.78 17.47
C ASP C 105 -20.31 -21.13 16.79
N ALA C 106 -21.46 -21.79 16.65
CA ALA C 106 -21.52 -23.06 15.94
C ALA C 106 -21.18 -22.86 14.47
N ALA C 107 -20.12 -23.52 14.01
CA ALA C 107 -19.60 -23.30 12.67
C ALA C 107 -18.43 -24.24 12.42
N THR C 108 -17.81 -24.15 11.24
CA THR C 108 -16.57 -24.84 10.96
C THR C 108 -15.45 -23.79 10.91
N TYR C 109 -14.36 -24.04 11.62
CA TYR C 109 -13.25 -23.11 11.72
C TYR C 109 -12.08 -23.63 10.91
N TYR C 110 -11.51 -22.77 10.07
CA TYR C 110 -10.41 -23.14 9.20
C TYR C 110 -9.19 -22.29 9.54
N CYS C 111 -8.01 -22.92 9.52
CA CYS C 111 -6.76 -22.18 9.53
C CYS C 111 -6.21 -22.17 8.11
N GLN C 112 -5.33 -21.20 7.84
CA GLN C 112 -4.81 -20.97 6.49
C GLN C 112 -3.48 -20.24 6.61
N GLN C 113 -2.45 -20.75 5.95
CA GLN C 113 -1.16 -20.09 6.01
C GLN C 113 -0.94 -19.16 4.81
N SER C 114 -0.34 -18.02 5.09
CA SER C 114 -0.04 -17.00 4.10
C SER C 114 1.47 -16.78 3.97
N TYR C 115 2.27 -17.75 4.40
CA TYR C 115 3.72 -17.64 4.31
C TYR C 115 4.19 -17.69 2.85
N GLU C 116 3.64 -18.58 2.04
CA GLU C 116 4.17 -18.78 0.71
C GLU C 116 3.06 -19.16 -0.26
N ASP C 117 3.36 -19.01 -1.54
CA ASP C 117 2.63 -19.64 -2.62
C ASP C 117 3.04 -21.11 -2.71
N PRO C 118 2.10 -22.06 -2.72
CA PRO C 118 0.64 -21.95 -2.70
C PRO C 118 0.04 -21.74 -1.31
N ARG C 119 -0.96 -20.85 -1.17
CA ARG C 119 -1.79 -20.82 0.02
C ARG C 119 -2.37 -22.20 0.26
N THR C 120 -2.42 -22.61 1.52
CA THR C 120 -3.02 -23.88 1.89
C THR C 120 -3.92 -23.67 3.10
N PHE C 121 -4.89 -24.56 3.24
CA PHE C 121 -5.88 -24.52 4.31
C PHE C 121 -5.81 -25.81 5.11
N GLY C 122 -6.16 -25.71 6.38
CA GLY C 122 -6.40 -26.90 7.16
C GLY C 122 -7.72 -27.56 6.77
N GLY C 123 -7.93 -28.76 7.32
CA GLY C 123 -9.13 -29.51 6.99
C GLY C 123 -10.40 -28.99 7.62
N GLY C 124 -10.28 -28.22 8.70
CA GLY C 124 -11.44 -27.66 9.37
C GLY C 124 -11.83 -28.42 10.63
N THR C 125 -12.44 -27.71 11.57
CA THR C 125 -12.93 -28.25 12.83
C THR C 125 -14.36 -27.79 13.01
N LYS C 126 -15.30 -28.73 13.07
CA LYS C 126 -16.70 -28.39 13.31
C LYS C 126 -16.94 -28.22 14.80
N LEU C 127 -17.39 -27.03 15.21
CA LEU C 127 -17.75 -26.76 16.60
C LEU C 127 -19.26 -26.90 16.75
N GLU C 128 -19.67 -27.85 17.59
CA GLU C 128 -21.07 -28.06 17.94
C GLU C 128 -21.30 -27.60 19.38
N ILE C 129 -22.52 -27.16 19.66
CA ILE C 129 -22.89 -26.65 20.98
C ILE C 129 -23.57 -27.76 21.79
N LYS C 130 -23.25 -27.82 23.08
CA LYS C 130 -23.90 -28.76 24.02
C LYS C 130 -24.98 -28.06 24.86
#